data_8QGA
#
_entry.id   8QGA
#
_cell.length_a   62.990
_cell.length_b   74.660
_cell.length_c   118.337
_cell.angle_alpha   90.000
_cell.angle_beta   90.000
_cell.angle_gamma   90.000
#
_symmetry.space_group_name_H-M   'I 2 2 2'
#
loop_
_entity.id
_entity.type
_entity.pdbx_description
1 polymer 'NAD kinase 1'
2 non-polymer 'CITRIC ACID'
3 non-polymer 1-[[(2~{R},3~{S},4~{R},5~{R})-5-[8-[3-[[(2~{R},3~{S},4~{R},5~{R})-5-(6-aminopurin-9-yl)-3,4-bis(oxidanyl)oxolan-2-yl]methyl-methyl-amino]prop-1-ynyl]-6-azanyl-purin-9-yl]-3,4-bis(oxidanyl)oxolan-2-yl]methyl]-3-naphthalen-1-yl-urea
4 water water
#
_entity_poly.entity_id   1
_entity_poly.type   'polypeptide(L)'
_entity_poly.pdbx_seq_one_letter_code
;MKYMITSKGDEKSDLLRLNMIAGFGEYDMEYDDVEPEIVISIGGDGTFLSAFHQYEERLDEIAFIGIHTGHLGFYADWRP
AEADKLVKLLAKGEYQKVSYPLLKTTVKYGIGKKEATYLALNESTVKSSGGPFVVDVVINDIHFERFRGDGLCMSTPSGT
TAYNKSLGGALMHPSIEAMQLTEMASINNRVYRTIGSPLVFPKHHVVSLQPVNDKDFQISVDHLSILHRDVQEIRYEVSA
KKIHFARFRSFPFWRRVHDSFIEDLEHHHHHH
;
_entity_poly.pdbx_strand_id   A
#
loop_
_chem_comp.id
_chem_comp.type
_chem_comp.name
_chem_comp.formula
CIT non-polymer 'CITRIC ACID' 'C6 H8 O7'
UV0 non-polymer 1-[[(2~{R},3~{S},4~{R},5~{R})-5-[8-[3-[[(2~{R},3~{S},4~{R},5~{R})-5-(6-aminopurin-9-yl)-3,4-bis(oxidanyl)oxolan-2-yl]methyl-methyl-amino]prop-1-ynyl]-6-azanyl-purin-9-yl]-3,4-bis(oxidanyl)oxolan-2-yl]methyl]-3-naphthalen-1-yl-urea 'C35 H37 N13 O7'
#
# COMPACT_ATOMS: atom_id res chain seq x y z
N MET A 1 1.00 -6.04 -26.22
CA MET A 1 -0.08 -6.45 -25.34
C MET A 1 -0.81 -5.23 -24.78
N LYS A 2 -2.02 -5.44 -24.25
CA LYS A 2 -2.82 -4.34 -23.74
C LYS A 2 -2.09 -3.62 -22.61
N TYR A 3 -2.26 -2.30 -22.54
CA TYR A 3 -1.58 -1.50 -21.54
C TYR A 3 -2.31 -0.18 -21.36
N MET A 4 -2.08 0.46 -20.21
CA MET A 4 -2.56 1.80 -19.95
C MET A 4 -1.51 2.55 -19.15
N ILE A 5 -1.64 3.87 -19.10
CA ILE A 5 -0.67 4.75 -18.45
C ILE A 5 -1.41 5.82 -17.66
N THR A 6 -1.12 5.92 -16.37
CA THR A 6 -1.64 6.96 -15.49
C THR A 6 -0.61 8.08 -15.35
N SER A 7 -1.08 9.31 -15.23
CA SER A 7 -0.21 10.47 -15.13
C SER A 7 -0.54 11.28 -13.87
N LYS A 8 0.52 11.89 -13.30
CA LYS A 8 0.34 12.76 -12.14
C LYS A 8 -0.52 13.96 -12.45
N GLY A 9 -0.48 14.47 -13.69
CA GLY A 9 -1.32 15.56 -14.12
C GLY A 9 -0.59 16.86 -14.41
N ASP A 10 0.71 16.93 -14.14
CA ASP A 10 1.49 18.12 -14.42
C ASP A 10 2.09 18.05 -15.82
N GLU A 11 2.77 19.11 -16.24
CA GLU A 11 3.28 19.17 -17.60
C GLU A 11 4.30 18.08 -17.87
N LYS A 12 5.21 17.84 -16.93
CA LYS A 12 6.27 16.86 -17.15
C LYS A 12 5.70 15.46 -17.35
N SER A 13 4.75 15.05 -16.50
CA SER A 13 4.24 13.68 -16.56
C SER A 13 3.34 13.48 -17.78
N ASP A 14 2.50 14.47 -18.09
CA ASP A 14 1.62 14.35 -19.25
C ASP A 14 2.43 14.26 -20.54
N LEU A 15 3.51 15.03 -20.66
CA LEU A 15 4.28 15.02 -21.90
C LEU A 15 5.09 13.74 -22.05
N LEU A 16 5.50 13.14 -20.95
CA LEU A 16 6.20 11.87 -21.03
C LEU A 16 5.24 10.72 -21.37
N ARG A 17 4.00 10.81 -20.90
CA ARG A 17 3.00 9.79 -21.22
C ARG A 17 2.67 9.80 -22.72
N LEU A 18 2.58 10.98 -23.32
CA LEU A 18 2.28 11.04 -24.76
C LEU A 18 3.44 10.49 -25.58
N ASN A 19 4.68 10.66 -25.12
CA ASN A 19 5.83 10.17 -25.87
C ASN A 19 5.95 8.65 -25.79
N MET A 20 5.62 8.07 -24.62
CA MET A 20 5.61 6.62 -24.49
C MET A 20 4.54 5.98 -25.36
N ILE A 21 3.32 6.55 -25.34
CA ILE A 21 2.24 6.06 -26.20
C ILE A 21 2.68 6.06 -27.65
N ALA A 22 3.25 7.17 -28.12
CA ALA A 22 3.79 7.21 -29.48
C ALA A 22 4.87 6.17 -29.68
N GLY A 23 5.70 5.94 -28.65
CA GLY A 23 6.66 4.86 -28.72
C GLY A 23 6.01 3.49 -28.80
N PHE A 24 4.90 3.29 -28.07
CA PHE A 24 4.17 2.03 -28.13
C PHE A 24 3.47 1.84 -29.46
N GLY A 25 3.06 2.93 -30.11
CA GLY A 25 2.48 2.81 -31.44
C GLY A 25 3.44 2.24 -32.46
N GLU A 26 4.75 2.40 -32.24
CA GLU A 26 5.74 1.84 -33.15
C GLU A 26 5.88 0.34 -32.98
N TYR A 27 5.13 -0.23 -32.02
CA TYR A 27 4.91 -1.65 -31.83
C TYR A 27 3.41 -1.90 -31.94
N ASP A 28 3.00 -3.17 -31.86
CA ASP A 28 1.58 -3.51 -31.84
C ASP A 28 1.10 -3.63 -30.39
N MET A 29 1.23 -2.51 -29.68
CA MET A 29 0.80 -2.40 -28.29
C MET A 29 -0.52 -1.62 -28.27
N GLU A 30 -1.61 -2.32 -27.97
CA GLU A 30 -2.94 -1.71 -27.95
C GLU A 30 -3.18 -1.02 -26.61
N TYR A 31 -3.57 0.25 -26.67
CA TYR A 31 -3.96 0.99 -25.48
C TYR A 31 -5.36 0.57 -25.06
N ASP A 32 -5.51 0.18 -23.79
CA ASP A 32 -6.80 -0.29 -23.28
C ASP A 32 -6.78 -0.02 -21.78
N ASP A 33 -7.50 1.00 -21.35
CA ASP A 33 -7.61 1.32 -19.93
C ASP A 33 -8.75 0.57 -19.24
N VAL A 34 -9.38 -0.38 -19.92
CA VAL A 34 -10.44 -1.19 -19.33
C VAL A 34 -9.90 -2.55 -18.88
N GLU A 35 -9.21 -3.25 -19.78
CA GLU A 35 -8.58 -4.54 -19.45
C GLU A 35 -7.11 -4.50 -19.84
N PRO A 36 -6.30 -3.67 -19.20
CA PRO A 36 -4.86 -3.69 -19.49
C PRO A 36 -4.16 -4.82 -18.74
N GLU A 37 -3.08 -5.29 -19.35
CA GLU A 37 -2.19 -6.25 -18.72
C GLU A 37 -0.96 -5.59 -18.11
N ILE A 38 -0.68 -4.34 -18.49
CA ILE A 38 0.48 -3.58 -18.05
C ILE A 38 0.01 -2.18 -17.67
N VAL A 39 0.26 -1.78 -16.42
CA VAL A 39 -0.15 -0.47 -15.93
C VAL A 39 1.11 0.32 -15.56
N ILE A 40 1.30 1.44 -16.23
CA ILE A 40 2.47 2.31 -16.05
C ILE A 40 2.01 3.57 -15.32
N SER A 41 2.66 3.86 -14.20
CA SER A 41 2.38 5.05 -13.40
C SER A 41 3.53 6.04 -13.58
N ILE A 42 3.19 7.32 -13.71
CA ILE A 42 4.16 8.38 -14.00
C ILE A 42 3.89 9.53 -13.04
N GLY A 43 4.85 9.82 -12.16
CA GLY A 43 4.66 10.84 -11.15
C GLY A 43 5.38 10.50 -9.86
N GLY A 44 4.63 10.09 -8.84
CA GLY A 44 5.22 9.69 -7.59
C GLY A 44 4.50 8.49 -7.01
N ASP A 45 4.86 8.11 -5.77
CA ASP A 45 4.20 6.96 -5.14
C ASP A 45 2.69 7.18 -5.02
N GLY A 46 2.27 8.41 -4.73
CA GLY A 46 0.84 8.70 -4.70
C GLY A 46 0.15 8.40 -6.02
N THR A 47 0.79 8.75 -7.14
CA THR A 47 0.24 8.42 -8.45
C THR A 47 0.19 6.92 -8.65
N PHE A 48 1.21 6.20 -8.16
CA PHE A 48 1.19 4.74 -8.27
C PHE A 48 0.06 4.14 -7.45
N LEU A 49 -0.12 4.62 -6.20
CA LEU A 49 -1.21 4.13 -5.36
C LEU A 49 -2.56 4.26 -6.05
N SER A 50 -2.84 5.42 -6.65
CA SER A 50 -4.07 5.59 -7.42
C SER A 50 -4.20 4.52 -8.50
N ALA A 51 -3.11 4.26 -9.23
CA ALA A 51 -3.18 3.27 -10.30
C ALA A 51 -3.46 1.87 -9.76
N PHE A 52 -2.86 1.54 -8.60
CA PHE A 52 -3.11 0.25 -7.98
C PHE A 52 -4.59 0.11 -7.60
N HIS A 53 -5.15 1.12 -6.95
CA HIS A 53 -6.55 1.06 -6.55
C HIS A 53 -7.49 1.15 -7.73
N GLN A 54 -7.07 1.77 -8.83
CA GLN A 54 -7.93 1.85 -10.00
C GLN A 54 -8.17 0.48 -10.61
N TYR A 55 -7.24 -0.46 -10.43
CA TYR A 55 -7.35 -1.79 -11.00
C TYR A 55 -7.18 -2.86 -9.93
N GLU A 56 -7.64 -2.58 -8.72
CA GLU A 56 -7.41 -3.51 -7.62
C GLU A 56 -8.25 -4.77 -7.71
N GLU A 57 -9.14 -4.87 -8.70
CA GLU A 57 -9.94 -6.06 -8.91
C GLU A 57 -9.42 -6.92 -10.06
N ARG A 58 -8.30 -6.54 -10.68
CA ARG A 58 -7.64 -7.35 -11.68
C ARG A 58 -6.14 -7.44 -11.39
N LEU A 59 -5.79 -7.51 -10.11
CA LEU A 59 -4.38 -7.54 -9.72
C LEU A 59 -3.68 -8.78 -10.24
N ASP A 60 -4.39 -9.90 -10.37
CA ASP A 60 -3.75 -11.13 -10.79
C ASP A 60 -3.38 -11.15 -12.27
N GLU A 61 -3.90 -10.21 -13.07
CA GLU A 61 -3.64 -10.17 -14.51
C GLU A 61 -2.88 -8.92 -14.93
N ILE A 62 -2.17 -8.27 -14.01
CA ILE A 62 -1.52 -6.98 -14.28
C ILE A 62 -0.12 -6.99 -13.66
N ALA A 63 0.83 -6.40 -14.38
CA ALA A 63 2.13 -6.06 -13.83
C ALA A 63 2.28 -4.54 -13.83
N PHE A 64 2.56 -3.97 -12.67
CA PHE A 64 2.71 -2.53 -12.51
C PHE A 64 4.16 -2.10 -12.70
N ILE A 65 4.33 -0.85 -13.16
CA ILE A 65 5.64 -0.22 -13.34
C ILE A 65 5.53 1.23 -12.92
N GLY A 66 6.52 1.71 -12.18
CA GLY A 66 6.51 3.08 -11.69
C GLY A 66 7.64 3.91 -12.30
N ILE A 67 7.31 5.16 -12.64
CA ILE A 67 8.30 6.12 -13.12
C ILE A 67 8.13 7.39 -12.29
N HIS A 68 9.19 7.79 -11.59
CA HIS A 68 9.13 8.96 -10.73
C HIS A 68 9.59 10.19 -11.50
N THR A 69 8.71 11.18 -11.61
CA THR A 69 9.09 12.45 -12.21
C THR A 69 9.62 13.44 -11.17
N GLY A 70 9.14 13.35 -9.94
CA GLY A 70 9.74 14.10 -8.85
C GLY A 70 10.95 13.39 -8.31
N HIS A 71 10.97 13.15 -7.00
CA HIS A 71 12.03 12.37 -6.41
C HIS A 71 11.72 10.88 -6.50
N LEU A 72 12.72 10.06 -6.20
CA LEU A 72 12.56 8.60 -6.28
C LEU A 72 11.52 8.13 -5.27
N GLY A 73 10.61 7.29 -5.75
CA GLY A 73 9.67 6.60 -4.88
C GLY A 73 10.05 5.14 -4.74
N PHE A 74 9.35 4.46 -3.83
CA PHE A 74 9.61 3.04 -3.63
C PHE A 74 8.91 2.19 -4.67
N TYR A 75 7.78 2.66 -5.19
CA TYR A 75 7.11 1.98 -6.27
C TYR A 75 7.44 2.58 -7.64
N ALA A 76 7.72 3.89 -7.69
CA ALA A 76 8.14 4.54 -8.94
C ALA A 76 9.66 4.56 -8.97
N ASP A 77 10.25 3.40 -9.26
CA ASP A 77 11.70 3.23 -9.28
C ASP A 77 12.27 3.22 -10.70
N TRP A 78 11.82 4.17 -11.53
CA TRP A 78 12.34 4.35 -12.88
C TRP A 78 12.44 5.83 -13.17
N ARG A 79 13.60 6.29 -13.60
CA ARG A 79 13.71 7.70 -13.94
C ARG A 79 13.08 7.96 -15.30
N PRO A 80 12.65 9.20 -15.55
CA PRO A 80 12.09 9.52 -16.87
C PRO A 80 13.06 9.28 -18.01
N ALA A 81 14.37 9.45 -17.79
CA ALA A 81 15.33 9.32 -18.88
C ALA A 81 15.44 7.88 -19.38
N GLU A 82 14.87 6.93 -18.66
CA GLU A 82 14.89 5.52 -19.03
C GLU A 82 13.57 5.07 -19.62
N ALA A 83 12.75 6.02 -20.09
CA ALA A 83 11.43 5.69 -20.59
C ALA A 83 11.51 4.98 -21.94
N ASP A 84 12.36 5.46 -22.84
CA ASP A 84 12.51 4.80 -24.14
C ASP A 84 12.98 3.37 -23.97
N LYS A 85 14.01 3.16 -23.13
CA LYS A 85 14.50 1.80 -22.87
C LYS A 85 13.44 0.96 -22.19
N LEU A 86 12.54 1.59 -21.42
CA LEU A 86 11.45 0.85 -20.80
C LEU A 86 10.42 0.39 -21.82
N VAL A 87 10.14 1.23 -22.82
CA VAL A 87 9.13 0.90 -23.83
C VAL A 87 9.53 -0.34 -24.61
N LYS A 88 10.81 -0.45 -24.97
CA LYS A 88 11.27 -1.56 -25.79
C LYS A 88 11.04 -2.90 -25.11
N LEU A 89 11.59 -3.07 -23.91
CA LEU A 89 11.48 -4.34 -23.20
C LEU A 89 10.05 -4.67 -22.85
N LEU A 90 9.21 -3.66 -22.59
CA LEU A 90 7.80 -3.90 -22.33
C LEU A 90 7.13 -4.53 -23.54
N ALA A 91 7.40 -4.00 -24.73
CA ALA A 91 6.71 -4.47 -25.92
C ALA A 91 7.07 -5.93 -26.24
N LYS A 92 8.34 -6.30 -26.05
CA LYS A 92 8.76 -7.67 -26.29
C LYS A 92 8.24 -8.61 -25.19
N GLY A 93 8.50 -8.25 -23.93
CA GLY A 93 8.26 -9.17 -22.84
C GLY A 93 9.54 -9.60 -22.18
N GLU A 94 9.69 -10.91 -21.98
CA GLU A 94 10.90 -11.51 -21.40
C GLU A 94 11.28 -10.82 -20.09
N TYR A 95 10.28 -10.46 -19.30
CA TYR A 95 10.46 -9.85 -18.00
C TYR A 95 9.81 -10.75 -16.95
N GLN A 96 10.48 -10.88 -15.82
CA GLN A 96 9.94 -11.62 -14.69
C GLN A 96 9.03 -10.72 -13.86
N LYS A 97 8.10 -11.35 -13.14
CA LYS A 97 7.19 -10.65 -12.26
C LYS A 97 7.59 -10.88 -10.81
N VAL A 98 7.59 -9.82 -10.02
CA VAL A 98 7.80 -9.90 -8.58
C VAL A 98 6.50 -9.49 -7.90
N SER A 99 6.19 -10.15 -6.78
CA SER A 99 4.91 -9.96 -6.11
C SER A 99 5.15 -9.53 -4.66
N TYR A 100 4.47 -8.47 -4.26
CA TYR A 100 4.48 -7.99 -2.88
C TYR A 100 3.17 -8.32 -2.18
N PRO A 101 3.21 -8.77 -0.93
CA PRO A 101 1.97 -9.07 -0.21
C PRO A 101 1.14 -7.83 0.00
N LEU A 102 -0.15 -8.04 0.26
CA LEU A 102 -1.12 -6.97 0.47
C LEU A 102 -1.85 -7.19 1.78
N LEU A 103 -2.54 -6.15 2.23
CA LEU A 103 -3.26 -6.14 3.50
C LEU A 103 -4.76 -6.08 3.24
N LYS A 104 -5.51 -6.94 3.91
CA LYS A 104 -6.97 -6.95 3.82
C LYS A 104 -7.55 -6.36 5.10
N THR A 105 -8.55 -5.49 4.95
CA THR A 105 -9.19 -4.80 6.06
C THR A 105 -10.69 -5.00 5.95
N THR A 106 -11.28 -5.67 6.93
CA THR A 106 -12.72 -5.91 6.96
C THR A 106 -13.35 -5.05 8.05
N VAL A 107 -14.44 -4.37 7.69
CA VAL A 107 -15.13 -3.44 8.58
C VAL A 107 -16.59 -3.90 8.69
N LYS A 108 -16.95 -4.44 9.84
CA LYS A 108 -18.32 -4.88 10.08
C LYS A 108 -19.10 -3.83 10.84
N TYR A 109 -20.41 -3.81 10.62
CA TYR A 109 -21.30 -2.83 11.25
C TYR A 109 -22.37 -3.51 12.10
N LYS A 114 -23.95 -4.14 6.76
CA LYS A 114 -23.25 -5.32 6.29
C LYS A 114 -21.78 -5.30 6.71
N GLU A 115 -20.88 -5.64 5.78
CA GLU A 115 -19.45 -5.59 6.01
C GLU A 115 -18.75 -5.11 4.74
N ALA A 116 -17.65 -4.38 4.91
CA ALA A 116 -16.90 -3.82 3.79
C ALA A 116 -15.44 -4.22 3.91
N THR A 117 -14.85 -4.68 2.81
CA THR A 117 -13.46 -5.09 2.77
C THR A 117 -12.65 -4.17 1.86
N TYR A 118 -11.39 -3.95 2.24
CA TYR A 118 -10.49 -3.09 1.49
C TYR A 118 -9.14 -3.76 1.32
N LEU A 119 -8.45 -3.39 0.25
CA LEU A 119 -7.11 -3.86 -0.04
C LEU A 119 -6.17 -2.67 -0.01
N ALA A 120 -5.09 -2.79 0.75
CA ALA A 120 -4.12 -1.72 0.89
C ALA A 120 -2.76 -2.17 0.38
N LEU A 121 -2.04 -1.25 -0.27
CA LEU A 121 -0.65 -1.44 -0.64
C LEU A 121 0.34 -0.86 0.37
N ASN A 122 -0.02 0.23 1.04
CA ASN A 122 0.84 0.80 2.06
C ASN A 122 0.38 0.40 3.46
N GLU A 123 -0.80 0.84 3.87
CA GLU A 123 -1.26 0.60 5.24
C GLU A 123 -2.73 0.96 5.38
N SER A 124 -3.34 0.45 6.45
CA SER A 124 -4.70 0.78 6.85
C SER A 124 -4.65 1.38 8.26
N THR A 125 -5.28 2.54 8.44
CA THR A 125 -5.17 3.33 9.66
C THR A 125 -6.55 3.57 10.26
N VAL A 126 -6.62 3.55 11.60
CA VAL A 126 -7.84 3.87 12.34
C VAL A 126 -7.54 5.00 13.31
N LYS A 127 -8.45 5.98 13.37
CA LYS A 127 -8.40 7.05 14.36
C LYS A 127 -9.81 7.28 14.88
N SER A 128 -9.93 8.11 15.92
CA SER A 128 -11.26 8.44 16.44
C SER A 128 -11.89 9.56 15.63
N SER A 129 -13.22 9.57 15.62
CA SER A 129 -14.01 10.61 14.97
C SER A 129 -14.07 11.89 15.77
N GLY A 130 -13.12 12.12 16.68
CA GLY A 130 -13.21 13.23 17.60
C GLY A 130 -13.22 12.75 19.03
N GLY A 131 -12.23 13.18 19.81
CA GLY A 131 -12.10 12.73 21.17
C GLY A 131 -11.19 11.51 21.27
N PRO A 132 -11.34 10.75 22.33
CA PRO A 132 -10.42 9.62 22.58
C PRO A 132 -10.69 8.43 21.69
N PHE A 133 -9.62 7.81 21.21
CA PHE A 133 -9.67 6.56 20.46
C PHE A 133 -9.36 5.43 21.44
N VAL A 134 -10.34 4.57 21.67
CA VAL A 134 -10.21 3.44 22.59
C VAL A 134 -10.71 2.20 21.87
N VAL A 135 -9.84 1.23 21.66
CA VAL A 135 -10.26 -0.05 21.11
C VAL A 135 -9.62 -1.17 21.92
N ASP A 136 -10.33 -2.30 22.00
CA ASP A 136 -9.76 -3.54 22.50
C ASP A 136 -9.11 -4.25 21.32
N VAL A 137 -7.84 -4.60 21.46
CA VAL A 137 -7.11 -5.31 20.41
C VAL A 137 -7.17 -6.81 20.71
N VAL A 138 -7.62 -7.58 19.73
CA VAL A 138 -7.82 -9.02 19.85
C VAL A 138 -6.99 -9.70 18.76
N ILE A 139 -6.20 -10.70 19.14
CA ILE A 139 -5.30 -11.41 18.24
C ILE A 139 -5.69 -12.87 18.24
N ASN A 140 -6.20 -13.36 17.11
CA ASN A 140 -6.63 -14.75 16.99
C ASN A 140 -7.60 -15.12 18.11
N ASP A 141 -8.58 -14.25 18.32
CA ASP A 141 -9.64 -14.39 19.33
C ASP A 141 -9.08 -14.35 20.75
N ILE A 142 -7.94 -13.71 20.96
CA ILE A 142 -7.30 -13.59 22.27
CA ILE A 142 -7.30 -13.59 22.27
C ILE A 142 -7.21 -12.12 22.61
N HIS A 143 -7.85 -11.70 23.71
CA HIS A 143 -7.79 -10.30 24.08
C HIS A 143 -6.38 -9.94 24.52
N PHE A 144 -5.74 -9.04 23.76
CA PHE A 144 -4.35 -8.70 23.95
C PHE A 144 -4.12 -7.44 24.78
N GLU A 145 -4.92 -6.40 24.58
CA GLU A 145 -4.68 -5.13 25.24
C GLU A 145 -5.87 -4.23 24.96
N ARG A 146 -6.06 -3.24 25.83
CA ARG A 146 -7.02 -2.16 25.59
C ARG A 146 -6.22 -0.91 25.25
N PHE A 147 -6.32 -0.46 23.99
CA PHE A 147 -5.52 0.65 23.48
C PHE A 147 -6.26 1.98 23.65
N ARG A 148 -5.61 2.94 24.29
CA ARG A 148 -6.10 4.31 24.36
C ARG A 148 -5.02 5.24 23.84
N GLY A 149 -5.34 5.94 22.75
CA GLY A 149 -4.39 6.86 22.14
C GLY A 149 -4.95 7.58 20.94
N ASP A 150 -4.10 7.94 19.98
CA ASP A 150 -4.54 8.63 18.78
C ASP A 150 -4.98 7.70 17.67
N GLY A 151 -4.39 6.51 17.57
CA GLY A 151 -4.80 5.59 16.53
C GLY A 151 -3.82 4.43 16.39
N LEU A 152 -4.05 3.65 15.34
CA LEU A 152 -3.27 2.46 15.03
C LEU A 152 -3.02 2.39 13.52
N CYS A 153 -1.89 1.78 13.14
CA CYS A 153 -1.50 1.67 11.74
C CYS A 153 -1.11 0.23 11.45
N MET A 154 -1.84 -0.43 10.56
CA MET A 154 -1.46 -1.76 10.09
C MET A 154 -0.83 -1.60 8.71
N SER A 155 0.44 -1.99 8.59
CA SER A 155 1.25 -1.72 7.41
C SER A 155 1.63 -3.00 6.71
N THR A 156 1.59 -2.98 5.37
CA THR A 156 2.12 -4.06 4.56
C THR A 156 3.64 -4.08 4.70
N PRO A 157 4.32 -5.11 4.18
CA PRO A 157 5.78 -5.08 4.13
C PRO A 157 6.31 -3.86 3.37
N SER A 158 5.84 -3.65 2.15
CA SER A 158 6.34 -2.52 1.36
C SER A 158 5.83 -1.19 1.88
N GLY A 159 4.78 -1.19 2.69
CA GLY A 159 4.35 0.03 3.35
C GLY A 159 5.19 0.43 4.54
N THR A 160 6.07 -0.46 5.05
CA THR A 160 6.81 -0.13 6.25
C THR A 160 7.77 1.04 6.05
N THR A 161 8.16 1.35 4.82
CA THR A 161 8.99 2.53 4.61
C THR A 161 8.16 3.81 4.57
N ALA A 162 6.85 3.73 4.74
CA ALA A 162 5.96 4.89 4.69
C ALA A 162 5.54 5.36 6.08
N TYR A 163 4.22 5.49 6.29
CA TYR A 163 3.70 5.91 7.59
C TYR A 163 4.24 5.06 8.72
N ASN A 164 4.26 3.74 8.52
CA ASN A 164 4.80 2.83 9.54
C ASN A 164 6.16 3.28 10.05
N LYS A 165 7.04 3.73 9.14
CA LYS A 165 8.37 4.15 9.54
C LYS A 165 8.33 5.37 10.45
N SER A 166 7.50 6.37 10.10
CA SER A 166 7.35 7.56 10.94
C SER A 166 6.79 7.23 12.31
N LEU A 167 6.11 6.10 12.46
CA LEU A 167 5.56 5.69 13.74
C LEU A 167 6.50 4.77 14.51
N GLY A 168 7.79 4.78 14.17
CA GLY A 168 8.75 3.95 14.88
C GLY A 168 8.75 2.49 14.48
N GLY A 169 7.97 2.10 13.47
CA GLY A 169 7.92 0.72 13.08
C GLY A 169 9.20 0.23 12.43
N ALA A 170 9.32 -1.10 12.37
CA ALA A 170 10.45 -1.70 11.68
C ALA A 170 10.23 -1.67 10.17
N LEU A 171 11.34 -1.64 9.43
CA LEU A 171 11.30 -1.80 7.98
C LEU A 171 11.59 -3.26 7.66
N MET A 172 10.74 -3.87 6.82
CA MET A 172 10.90 -5.29 6.54
C MET A 172 10.84 -5.56 5.04
N HIS A 173 11.67 -6.51 4.62
CA HIS A 173 11.78 -6.84 3.21
C HIS A 173 10.43 -7.35 2.68
N PRO A 174 10.03 -6.95 1.47
CA PRO A 174 8.69 -7.29 0.98
C PRO A 174 8.49 -8.77 0.67
N SER A 175 9.54 -9.59 0.68
CA SER A 175 9.33 -11.02 0.48
C SER A 175 8.70 -11.67 1.70
N ILE A 176 8.66 -10.99 2.85
CA ILE A 176 8.09 -11.54 4.07
C ILE A 176 6.58 -11.31 4.04
N GLU A 177 5.81 -12.40 3.98
CA GLU A 177 4.35 -12.29 3.97
C GLU A 177 3.89 -12.01 5.40
N ALA A 178 3.76 -10.74 5.72
CA ALA A 178 3.42 -10.32 7.08
C ALA A 178 2.74 -8.95 7.04
N MET A 179 2.29 -8.51 8.20
CA MET A 179 1.72 -7.18 8.41
C MET A 179 2.24 -6.66 9.74
N GLN A 180 2.37 -5.33 9.85
CA GLN A 180 2.95 -4.74 11.05
C GLN A 180 2.04 -3.68 11.64
N LEU A 181 1.77 -3.79 12.93
CA LEU A 181 0.91 -2.87 13.66
C LEU A 181 1.78 -1.95 14.50
N THR A 182 1.55 -0.65 14.38
CA THR A 182 2.23 0.36 15.19
C THR A 182 1.21 1.25 15.88
N GLU A 183 1.63 1.87 16.98
CA GLU A 183 0.79 2.73 17.79
C GLU A 183 1.01 4.20 17.44
N MET A 184 -0.02 5.01 17.65
CA MET A 184 0.12 6.47 17.65
C MET A 184 -0.20 6.97 19.05
N ALA A 185 0.82 7.45 19.76
CA ALA A 185 0.69 8.18 21.01
C ALA A 185 -0.26 7.49 22.00
N SER A 186 0.06 6.24 22.32
CA SER A 186 -0.69 5.54 23.35
C SER A 186 -0.39 6.12 24.73
N ILE A 187 -1.43 6.35 25.51
CA ILE A 187 -1.24 6.69 26.90
C ILE A 187 -0.84 5.43 27.66
N ASN A 188 0.08 5.57 28.60
CA ASN A 188 0.51 4.45 29.42
C ASN A 188 0.72 4.93 30.84
N ASN A 189 -0.06 4.38 31.77
CA ASN A 189 0.08 4.69 33.19
C ASN A 189 -0.23 3.46 34.03
N ARG A 190 -0.66 3.67 35.27
CA ARG A 190 -1.08 2.54 36.10
C ARG A 190 -2.40 1.95 35.63
N VAL A 191 -3.28 2.78 35.07
CA VAL A 191 -4.57 2.32 34.58
C VAL A 191 -4.44 1.65 33.22
N TYR A 192 -3.93 2.40 32.24
CA TYR A 192 -3.85 1.93 30.87
C TYR A 192 -2.45 1.37 30.59
N ARG A 193 -2.42 0.28 29.84
CA ARG A 193 -1.17 -0.41 29.54
C ARG A 193 -1.24 -0.94 28.12
N THR A 194 -0.33 -0.49 27.26
CA THR A 194 -0.18 -1.09 25.95
C THR A 194 1.23 -1.65 25.81
N ILE A 195 1.42 -2.49 24.79
CA ILE A 195 2.70 -3.15 24.57
C ILE A 195 3.75 -2.14 24.13
N GLY A 196 3.34 -1.06 23.47
CA GLY A 196 4.28 -0.05 22.96
C GLY A 196 5.01 -0.47 21.71
N SER A 197 5.71 -1.61 21.78
CA SER A 197 6.48 -2.10 20.65
C SER A 197 5.60 -2.28 19.41
N PRO A 198 6.16 -2.14 18.23
CA PRO A 198 5.46 -2.56 17.02
C PRO A 198 5.32 -4.07 17.01
N LEU A 199 4.24 -4.55 16.37
CA LEU A 199 3.94 -5.97 16.28
C LEU A 199 3.95 -6.39 14.82
N VAL A 200 4.55 -7.54 14.54
CA VAL A 200 4.66 -8.09 13.19
C VAL A 200 3.91 -9.41 13.19
N PHE A 201 2.81 -9.47 12.44
CA PHE A 201 1.97 -10.67 12.43
C PHE A 201 2.19 -11.46 11.14
N PRO A 202 2.16 -12.78 11.20
CA PRO A 202 2.37 -13.58 10.00
C PRO A 202 1.05 -13.77 9.25
N LYS A 203 1.15 -14.43 8.10
CA LYS A 203 -0.03 -14.78 7.33
C LYS A 203 -0.95 -15.67 8.17
N HIS A 204 -2.24 -15.61 7.87
CA HIS A 204 -3.31 -16.36 8.54
C HIS A 204 -3.52 -15.96 10.00
N HIS A 205 -2.91 -14.89 10.48
CA HIS A 205 -3.24 -14.32 11.78
C HIS A 205 -4.22 -13.18 11.59
N VAL A 206 -5.26 -13.12 12.43
CA VAL A 206 -6.30 -12.13 12.33
C VAL A 206 -6.21 -11.20 13.53
N VAL A 207 -5.90 -9.93 13.29
CA VAL A 207 -5.94 -8.89 14.30
C VAL A 207 -7.27 -8.17 14.18
N SER A 208 -8.04 -8.16 15.27
CA SER A 208 -9.37 -7.58 15.29
C SER A 208 -9.43 -6.44 16.28
N LEU A 209 -10.00 -5.31 15.86
CA LEU A 209 -10.20 -4.15 16.71
C LEU A 209 -11.68 -4.05 17.06
N GLN A 210 -11.96 -3.93 18.35
CA GLN A 210 -13.33 -3.91 18.85
C GLN A 210 -13.57 -2.67 19.68
N PRO A 211 -14.59 -1.89 19.37
CA PRO A 211 -14.83 -0.63 20.09
C PRO A 211 -15.24 -0.87 21.53
N VAL A 212 -14.99 0.14 22.36
CA VAL A 212 -15.34 0.11 23.78
C VAL A 212 -16.59 0.95 23.99
N ASN A 213 -16.51 2.24 23.69
CA ASN A 213 -17.66 3.14 23.82
C ASN A 213 -17.97 3.80 22.50
N ASP A 214 -17.23 4.82 22.07
CA ASP A 214 -17.46 5.47 20.79
C ASP A 214 -17.34 4.45 19.66
N LYS A 215 -18.32 4.43 18.78
CA LYS A 215 -18.34 3.48 17.67
C LYS A 215 -17.98 4.12 16.34
N ASP A 216 -17.66 5.41 16.32
CA ASP A 216 -17.31 6.10 15.09
C ASP A 216 -15.80 6.27 14.99
N PHE A 217 -15.25 5.92 13.83
CA PHE A 217 -13.81 5.96 13.60
C PHE A 217 -13.55 6.46 12.19
N GLN A 218 -12.42 7.15 12.03
CA GLN A 218 -11.92 7.58 10.73
C GLN A 218 -10.90 6.54 10.27
N ILE A 219 -11.26 5.76 9.25
CA ILE A 219 -10.40 4.69 8.75
C ILE A 219 -9.85 5.11 7.39
N SER A 220 -8.55 4.89 7.18
CA SER A 220 -7.90 5.27 5.93
C SER A 220 -7.16 4.09 5.34
N VAL A 221 -7.27 3.94 4.03
CA VAL A 221 -6.55 2.92 3.27
C VAL A 221 -5.74 3.62 2.18
N ASP A 222 -4.43 3.72 2.36
CA ASP A 222 -3.52 4.38 1.41
C ASP A 222 -4.00 5.81 1.23
N HIS A 223 -4.49 6.19 0.05
CA HIS A 223 -5.01 7.54 -0.16
C HIS A 223 -6.27 7.79 0.65
N LEU A 224 -7.32 7.01 0.38
CA LEU A 224 -8.66 7.39 0.84
C LEU A 224 -8.82 7.21 2.34
N SER A 225 -9.54 8.16 2.95
CA SER A 225 -9.86 8.16 4.37
C SER A 225 -11.33 8.50 4.49
N ILE A 226 -12.14 7.54 4.92
CA ILE A 226 -13.58 7.69 5.03
C ILE A 226 -13.99 7.47 6.47
N LEU A 227 -14.99 8.22 6.92
CA LEU A 227 -15.52 8.06 8.28
C LEU A 227 -16.55 6.95 8.29
N HIS A 228 -16.35 5.97 9.16
CA HIS A 228 -17.29 4.86 9.31
C HIS A 228 -18.14 5.05 10.56
N ARG A 229 -19.43 4.75 10.44
CA ARG A 229 -20.38 4.97 11.51
C ARG A 229 -20.88 3.61 12.03
N ASP A 230 -21.06 3.53 13.35
CA ASP A 230 -21.59 2.34 14.01
C ASP A 230 -20.79 1.09 13.64
N VAL A 231 -19.51 1.13 14.00
CA VAL A 231 -18.57 0.06 13.67
C VAL A 231 -18.62 -0.99 14.77
N GLN A 232 -18.73 -2.26 14.36
CA GLN A 232 -18.70 -3.37 15.30
C GLN A 232 -17.36 -4.08 15.35
N GLU A 233 -16.62 -4.10 14.25
CA GLU A 233 -15.35 -4.82 14.22
C GLU A 233 -14.51 -4.36 13.03
N ILE A 234 -13.19 -4.31 13.24
CA ILE A 234 -12.22 -4.05 12.18
C ILE A 234 -11.25 -5.23 12.19
N ARG A 235 -11.17 -5.95 11.07
CA ARG A 235 -10.33 -7.13 10.96
C ARG A 235 -9.16 -6.85 10.01
N TYR A 236 -7.96 -7.22 10.43
CA TYR A 236 -6.76 -7.13 9.63
C TYR A 236 -6.18 -8.52 9.44
N GLU A 237 -5.74 -8.81 8.22
CA GLU A 237 -5.05 -10.06 7.93
C GLU A 237 -4.30 -9.90 6.63
N VAL A 238 -3.25 -10.72 6.48
CA VAL A 238 -2.50 -10.71 5.23
C VAL A 238 -3.43 -11.19 4.11
N SER A 239 -3.55 -10.38 3.06
CA SER A 239 -4.41 -10.72 1.95
C SER A 239 -3.91 -11.97 1.24
N ALA A 240 -4.84 -12.69 0.60
CA ALA A 240 -4.45 -13.75 -0.30
C ALA A 240 -4.01 -13.21 -1.66
N LYS A 241 -4.42 -12.00 -2.00
CA LYS A 241 -4.02 -11.38 -3.26
C LYS A 241 -2.68 -10.69 -3.12
N LYS A 242 -1.97 -10.56 -4.25
CA LYS A 242 -0.64 -9.96 -4.28
C LYS A 242 -0.53 -9.03 -5.48
N ILE A 243 0.21 -7.93 -5.31
CA ILE A 243 0.46 -7.00 -6.42
C ILE A 243 1.72 -7.46 -7.15
N HIS A 244 1.64 -7.48 -8.48
CA HIS A 244 2.73 -7.93 -9.32
C HIS A 244 3.41 -6.74 -9.98
N PHE A 245 4.73 -6.65 -9.83
CA PHE A 245 5.54 -5.67 -10.53
C PHE A 245 6.26 -6.31 -11.70
N ALA A 246 6.49 -5.53 -12.75
CA ALA A 246 7.35 -5.93 -13.86
C ALA A 246 8.73 -5.36 -13.59
N ARG A 247 9.71 -6.24 -13.35
CA ARG A 247 11.08 -5.82 -13.08
C ARG A 247 11.97 -6.16 -14.26
N PHE A 248 12.82 -5.20 -14.63
CA PHE A 248 13.76 -5.36 -15.74
C PHE A 248 15.20 -5.33 -15.24
N ARG A 249 15.62 -4.26 -14.57
CA ARG A 249 16.92 -4.22 -13.93
C ARG A 249 16.80 -4.67 -12.47
N SER A 250 17.96 -4.97 -11.89
CA SER A 250 18.05 -5.29 -10.47
C SER A 250 18.06 -4.00 -9.67
N PHE A 251 17.03 -3.81 -8.86
CA PHE A 251 16.96 -2.69 -7.91
C PHE A 251 16.51 -3.27 -6.57
N PRO A 252 17.44 -3.81 -5.78
CA PRO A 252 17.06 -4.45 -4.52
C PRO A 252 16.35 -3.49 -3.57
N PHE A 253 15.44 -4.04 -2.78
CA PHE A 253 14.70 -3.25 -1.80
C PHE A 253 15.64 -2.45 -0.90
N TRP A 254 16.70 -3.10 -0.41
CA TRP A 254 17.57 -2.40 0.53
C TRP A 254 18.39 -1.30 -0.15
N ARG A 255 18.71 -1.47 -1.44
CA ARG A 255 19.27 -0.34 -2.16
C ARG A 255 18.26 0.79 -2.27
N ARG A 256 17.01 0.46 -2.55
CA ARG A 256 15.96 1.46 -2.60
C ARG A 256 15.82 2.18 -1.26
N VAL A 257 15.96 1.45 -0.15
CA VAL A 257 15.96 2.07 1.17
C VAL A 257 17.16 3.01 1.32
N HIS A 258 18.36 2.52 0.96
CA HIS A 258 19.57 3.33 1.09
C HIS A 258 19.42 4.66 0.34
N ASP A 259 19.00 4.59 -0.92
CA ASP A 259 18.91 5.81 -1.71
C ASP A 259 17.91 6.80 -1.14
N SER A 260 16.80 6.29 -0.58
CA SER A 260 15.72 7.15 -0.11
C SER A 260 16.02 7.81 1.22
N PHE A 261 16.74 7.15 2.12
CA PHE A 261 16.92 7.67 3.48
C PHE A 261 18.36 7.97 3.87
N ILE A 262 19.35 7.27 3.33
CA ILE A 262 20.73 7.47 3.75
C ILE A 262 21.41 8.50 2.85
N GLU A 263 21.69 8.13 1.61
CA GLU A 263 22.39 9.02 0.68
C GLU A 263 21.62 9.15 -0.63
C1 CIT B . 15.11 -7.61 -3.62
O1 CIT B . 16.11 -8.21 -3.16
O2 CIT B . 14.82 -6.50 -3.12
C2 CIT B . 14.32 -8.26 -4.75
C3 CIT B . 13.51 -7.35 -5.68
O7 CIT B . 14.42 -6.59 -6.52
C4 CIT B . 12.63 -8.20 -6.61
C5 CIT B . 13.47 -8.85 -7.69
O3 CIT B . 13.46 -10.10 -7.81
O4 CIT B . 14.16 -8.17 -8.48
C6 CIT B . 12.64 -6.36 -4.94
O5 CIT B . 11.50 -6.70 -4.51
O6 CIT B . 13.03 -5.19 -4.72
C4 UV0 C . 6.55 5.90 0.54
C5 UV0 C . 5.76 4.77 0.37
C6 UV0 C . 6.33 3.52 0.62
C8 UV0 C . 4.59 6.50 -0.10
N1 UV0 C . 7.60 3.46 1.01
N3 UV0 C . 7.82 5.75 0.93
C2 UV0 C . 8.33 4.55 1.15
CAA UV0 C . 0.10 10.76 -0.49
CAC UV0 C . 1.40 8.88 -1.21
CAD UV0 C . 2.53 8.04 -0.82
CAE UV0 C . 3.48 7.33 -0.48
CAP UV0 C . 6.22 8.36 0.27
CAR UV0 C . 5.50 10.50 0.17
CAS UV0 C . 4.27 11.39 0.01
CAU UV0 C . 3.09 11.86 2.11
CAX UV0 C . 1.89 12.16 4.08
CAY UV0 C . 0.56 12.37 4.44
CAZ UV0 C . -0.46 11.83 3.67
CBA UV0 C . -1.79 12.04 4.02
CBB UV0 C . -2.09 12.79 5.16
CBC UV0 C . -1.07 13.32 5.93
CBD UV0 C . 0.25 13.11 5.58
CBE UV0 C . 1.28 13.65 6.35
CBF UV0 C . 2.60 13.44 5.99
CBG UV0 C . 2.91 12.70 4.86
CBH UV0 C . 6.13 10.26 -1.21
CBJ UV0 C . 6.61 8.81 -1.14
CBL UV0 C . 0.10 8.75 0.81
CBM UV0 C . 0.99 8.08 1.86
CBO UV0 C . 1.70 8.21 4.00
CBP UV0 C . 0.69 7.07 4.02
CBR UV0 C . 0.20 6.98 2.57
CBU UV0 C . 0.48 9.46 5.79
CBW UV0 C . 2.09 10.06 7.09
CBX UV0 C . 2.61 9.36 6.04
CBZ UV0 C . 4.73 9.64 6.92
CCB UV0 C . 2.94 10.56 8.07
N6 UV0 C . 5.60 2.41 0.48
N7 UV0 C . 4.56 5.17 -0.01
N9 UV0 C . 5.80 6.95 0.23
NAB UV0 C . 0.91 9.63 -0.05
NAT UV0 C . 3.29 11.06 1.06
NAW UV0 C . 2.18 11.45 3.00
NBT UV0 C . 1.60 8.99 5.25
NBV UV0 C . 0.76 10.11 6.92
NBY UV0 C . 3.94 9.16 5.98
NCA UV0 C . 4.25 10.33 7.94
NCC UV0 C . 2.46 11.24 9.10
OAQ UV0 C . 5.10 9.20 0.61
OAV UV0 C . 3.71 12.91 2.24
OBI UV0 C . 7.25 11.13 -1.38
OBK UV0 C . 8.04 8.77 -1.27
OBN UV0 C . 1.29 9.03 2.89
OBQ UV0 C . 1.34 5.86 4.38
OBS UV0 C . 0.56 5.71 2.02
#